data_8PM1
#
_entry.id   8PM1
#
_cell.length_a   53.817
_cell.length_b   110.431
_cell.length_c   39.314
_cell.angle_alpha   90.000
_cell.angle_beta   90.000
_cell.angle_gamma   90.000
#
_symmetry.space_group_name_H-M   'P 21 21 2'
#
loop_
_entity.id
_entity.type
_entity.pdbx_description
1 polymer 'histidine kinase'
2 non-polymer 'FLAVIN MONONUCLEOTIDE'
3 water water
#
_entity_poly.entity_id   1
_entity_poly.type   'polypeptide(L)'
_entity_poly.pdbx_seq_one_letter_code
;MASGMVVTDAGADQPIVFVNRAFSTITGYAPNEVLGRNQRFLQGPQTDAATVARLREAIAAARPIQERILNYRKDGQPFW
NQLSISPVRDETGNVVAFVGVQTDVTAHHHHHH
;
_entity_poly.pdbx_strand_id   A,B
#
loop_
_chem_comp.id
_chem_comp.type
_chem_comp.name
_chem_comp.formula
FMN non-polymer 'FLAVIN MONONUCLEOTIDE' 'C17 H21 N4 O9 P'
#
# COMPACT_ATOMS: atom_id res chain seq x y z
N ALA A 2 -0.65 -16.53 2.75
CA ALA A 2 -0.24 -15.11 2.72
C ALA A 2 -0.94 -14.47 1.52
N SER A 3 -1.45 -13.26 1.71
CA SER A 3 -2.11 -12.58 0.61
C SER A 3 -1.13 -11.66 -0.13
N GLY A 4 -1.32 -11.58 -1.44
CA GLY A 4 -0.58 -10.64 -2.25
C GLY A 4 -1.04 -9.21 -1.97
N MET A 5 -0.10 -8.27 -2.09
CA MET A 5 -0.46 -6.87 -2.05
CA MET A 5 -0.45 -6.86 -2.05
C MET A 5 0.31 -6.15 -3.15
N VAL A 6 -0.42 -5.24 -3.84
CA VAL A 6 0.13 -4.40 -4.91
CA VAL A 6 0.18 -4.39 -4.85
C VAL A 6 -0.19 -2.94 -4.59
N VAL A 7 0.69 -2.03 -5.02
CA VAL A 7 0.39 -0.61 -5.05
C VAL A 7 0.51 -0.22 -6.51
N THR A 8 -0.46 0.59 -6.96
CA THR A 8 -0.36 1.19 -8.27
C THR A 8 -0.45 2.71 -8.15
N ASP A 9 0.03 3.34 -9.19
CA ASP A 9 -0.18 4.77 -9.35
C ASP A 9 -1.67 5.01 -9.47
N ALA A 10 -2.09 6.25 -9.18
CA ALA A 10 -3.48 6.62 -9.24
C ALA A 10 -3.92 6.99 -10.65
N GLY A 11 -2.98 7.46 -11.44
CA GLY A 11 -3.26 8.09 -12.73
C GLY A 11 -3.01 7.15 -13.90
N ALA A 12 -3.43 7.60 -15.10
CA ALA A 12 -3.03 7.05 -16.39
C ALA A 12 -2.87 5.51 -16.41
N ASP A 13 -3.99 4.82 -16.18
CA ASP A 13 -4.01 3.36 -16.33
C ASP A 13 -3.19 2.61 -15.26
N GLN A 14 -2.98 3.26 -14.10
CA GLN A 14 -2.67 2.56 -12.86
C GLN A 14 -1.52 1.57 -13.03
N PRO A 15 -0.31 2.03 -13.44
CA PRO A 15 0.85 1.13 -13.43
C PRO A 15 1.23 0.65 -12.03
N ILE A 16 1.62 -0.63 -11.92
CA ILE A 16 2.16 -1.15 -10.66
C ILE A 16 3.47 -0.43 -10.29
N VAL A 17 3.58 -0.09 -8.99
CA VAL A 17 4.77 0.52 -8.44
C VAL A 17 5.39 -0.28 -7.29
N PHE A 18 4.66 -1.31 -6.79
CA PHE A 18 5.15 -2.15 -5.70
C PHE A 18 4.34 -3.44 -5.68
N VAL A 19 4.99 -4.58 -5.45
CA VAL A 19 4.29 -5.80 -5.05
C VAL A 19 5.07 -6.47 -3.93
N ASN A 20 4.35 -7.20 -3.09
CA ASN A 20 4.95 -7.94 -2.00
C ASN A 20 5.35 -9.34 -2.50
N ARG A 21 5.98 -10.12 -1.61
CA ARG A 21 6.50 -11.43 -1.98
C ARG A 21 5.35 -12.39 -2.30
N ALA A 22 4.28 -12.39 -1.49
CA ALA A 22 3.13 -13.27 -1.72
C ALA A 22 2.49 -13.08 -3.10
N PHE A 23 2.55 -11.84 -3.64
CA PHE A 23 2.11 -11.60 -5.00
C PHE A 23 2.88 -12.46 -6.01
N SER A 24 4.20 -12.57 -5.88
CA SER A 24 5.00 -13.46 -6.72
C SER A 24 4.64 -14.93 -6.52
N THR A 25 4.46 -15.33 -5.24
CA THR A 25 4.07 -16.71 -4.94
C THR A 25 2.75 -17.07 -5.63
N ILE A 26 1.75 -16.18 -5.51
CA ILE A 26 0.42 -16.48 -6.04
C ILE A 26 0.42 -16.45 -7.58
N THR A 27 1.10 -15.46 -8.18
CA THR A 27 0.92 -15.16 -9.58
C THR A 27 1.99 -15.79 -10.45
N GLY A 28 3.13 -16.15 -9.86
CA GLY A 28 4.23 -16.67 -10.63
C GLY A 28 5.10 -15.59 -11.27
N TYR A 29 4.81 -14.30 -11.05
CA TYR A 29 5.57 -13.24 -11.68
C TYR A 29 6.54 -12.63 -10.66
N ALA A 30 7.76 -12.34 -11.13
CA ALA A 30 8.71 -11.62 -10.29
C ALA A 30 8.35 -10.14 -10.26
N PRO A 31 8.70 -9.37 -9.19
CA PRO A 31 8.31 -7.97 -9.12
C PRO A 31 8.72 -7.18 -10.35
N ASN A 32 9.94 -7.42 -10.85
CA ASN A 32 10.45 -6.60 -11.95
C ASN A 32 9.77 -6.95 -13.27
N GLU A 33 9.09 -8.10 -13.38
CA GLU A 33 8.33 -8.44 -14.58
C GLU A 33 6.98 -7.70 -14.65
N VAL A 34 6.54 -7.09 -13.53
CA VAL A 34 5.21 -6.50 -13.49
C VAL A 34 5.24 -5.01 -13.18
N LEU A 35 6.36 -4.47 -12.68
CA LEU A 35 6.45 -3.03 -12.46
C LEU A 35 6.17 -2.28 -13.75
N GLY A 36 5.35 -1.22 -13.64
CA GLY A 36 5.03 -0.33 -14.75
C GLY A 36 3.87 -0.81 -15.63
N ARG A 37 3.24 -1.94 -15.26
CA ARG A 37 2.17 -2.56 -16.03
C ARG A 37 0.84 -2.43 -15.29
N ASN A 38 -0.25 -2.42 -16.05
CA ASN A 38 -1.58 -2.51 -15.49
C ASN A 38 -1.85 -3.97 -15.13
N GLN A 39 -2.49 -4.22 -13.98
CA GLN A 39 -2.72 -5.57 -13.47
CA GLN A 39 -2.70 -5.58 -13.47
C GLN A 39 -3.58 -6.46 -14.34
N ARG A 40 -4.23 -5.92 -15.39
CA ARG A 40 -5.13 -6.68 -16.24
C ARG A 40 -4.41 -7.85 -16.96
N PHE A 41 -3.07 -7.87 -16.98
CA PHE A 41 -2.38 -9.03 -17.53
C PHE A 41 -2.69 -10.33 -16.78
N LEU A 42 -3.24 -10.24 -15.56
CA LEU A 42 -3.67 -11.43 -14.82
C LEU A 42 -4.97 -12.06 -15.37
N GLN A 43 -5.68 -11.37 -16.26
CA GLN A 43 -6.93 -11.85 -16.81
C GLN A 43 -6.69 -12.71 -18.06
N GLY A 44 -7.74 -13.41 -18.42
CA GLY A 44 -7.68 -14.23 -19.61
C GLY A 44 -9.07 -14.60 -20.10
N PRO A 45 -9.17 -15.56 -21.05
CA PRO A 45 -10.45 -15.76 -21.72
C PRO A 45 -11.65 -16.17 -20.85
N GLN A 46 -11.40 -16.85 -19.72
CA GLN A 46 -12.48 -17.30 -18.86
C GLN A 46 -12.79 -16.30 -17.76
N THR A 47 -12.06 -15.17 -17.72
CA THR A 47 -12.37 -14.10 -16.78
C THR A 47 -13.76 -13.52 -17.15
N ASP A 48 -14.58 -13.26 -16.12
CA ASP A 48 -15.93 -12.76 -16.28
CA ASP A 48 -15.94 -12.76 -16.26
C ASP A 48 -15.89 -11.28 -16.66
N ALA A 49 -16.36 -10.96 -17.87
CA ALA A 49 -16.32 -9.61 -18.40
C ALA A 49 -17.13 -8.63 -17.55
N ALA A 50 -18.26 -9.07 -16.95
CA ALA A 50 -19.02 -8.16 -16.11
C ALA A 50 -18.24 -7.78 -14.86
N THR A 51 -17.49 -8.73 -14.29
CA THR A 51 -16.62 -8.45 -13.14
C THR A 51 -15.58 -7.39 -13.52
N VAL A 52 -14.92 -7.60 -14.67
CA VAL A 52 -13.92 -6.67 -15.16
C VAL A 52 -14.54 -5.28 -15.34
N ALA A 53 -15.76 -5.21 -15.89
CA ALA A 53 -16.44 -3.94 -16.02
C ALA A 53 -16.67 -3.25 -14.67
N ARG A 54 -17.12 -4.03 -13.66
CA ARG A 54 -17.30 -3.45 -12.33
C ARG A 54 -15.96 -2.86 -11.82
N LEU A 55 -14.85 -3.59 -12.02
CA LEU A 55 -13.54 -3.09 -11.57
C LEU A 55 -13.22 -1.78 -12.30
N ARG A 56 -13.47 -1.76 -13.62
CA ARG A 56 -13.12 -0.62 -14.45
C ARG A 56 -13.85 0.63 -13.97
N GLU A 57 -15.14 0.48 -13.64
CA GLU A 57 -15.93 1.65 -13.24
C GLU A 57 -15.56 2.14 -11.83
N ALA A 58 -15.23 1.20 -10.92
CA ALA A 58 -14.87 1.53 -9.56
C ALA A 58 -13.53 2.27 -9.53
N ILE A 59 -12.54 1.78 -10.29
CA ILE A 59 -11.24 2.40 -10.33
C ILE A 59 -11.31 3.78 -10.95
N ALA A 60 -12.09 3.94 -12.03
CA ALA A 60 -12.26 5.26 -12.65
C ALA A 60 -12.83 6.28 -11.66
N ALA A 61 -13.72 5.85 -10.76
CA ALA A 61 -14.41 6.71 -9.78
C ALA A 61 -13.65 6.75 -8.46
N ALA A 62 -12.53 6.01 -8.35
CA ALA A 62 -11.71 5.90 -7.15
C ALA A 62 -12.59 5.49 -5.99
N ARG A 63 -13.30 4.38 -6.15
CA ARG A 63 -14.16 3.79 -5.15
C ARG A 63 -13.60 2.41 -4.80
N PRO A 64 -13.62 2.01 -3.52
CA PRO A 64 -13.20 0.65 -3.14
C PRO A 64 -14.13 -0.38 -3.79
N ILE A 65 -13.56 -1.56 -4.02
CA ILE A 65 -14.28 -2.65 -4.66
C ILE A 65 -13.62 -3.97 -4.27
N GLN A 66 -14.48 -4.97 -4.04
CA GLN A 66 -14.05 -6.34 -3.85
C GLN A 66 -14.75 -7.23 -4.86
N GLU A 67 -14.00 -8.17 -5.46
CA GLU A 67 -14.52 -9.13 -6.43
C GLU A 67 -13.74 -10.43 -6.30
N ARG A 68 -14.42 -11.53 -6.61
CA ARG A 68 -13.80 -12.82 -6.85
C ARG A 68 -13.68 -12.97 -8.35
N ILE A 69 -12.44 -13.03 -8.84
CA ILE A 69 -12.19 -12.91 -10.28
C ILE A 69 -11.24 -14.02 -10.68
N LEU A 70 -11.49 -14.59 -11.86
CA LEU A 70 -10.60 -15.63 -12.37
C LEU A 70 -9.40 -14.96 -13.02
N ASN A 71 -8.23 -15.38 -12.56
CA ASN A 71 -6.96 -14.89 -13.05
C ASN A 71 -6.07 -16.06 -13.45
N TYR A 72 -4.88 -15.70 -13.91
CA TYR A 72 -3.98 -16.66 -14.53
C TYR A 72 -2.55 -16.35 -14.10
N ARG A 73 -1.87 -17.40 -13.67
CA ARG A 73 -0.46 -17.28 -13.36
C ARG A 73 0.34 -17.01 -14.62
N LYS A 74 1.61 -16.63 -14.42
CA LYS A 74 2.49 -16.35 -15.54
C LYS A 74 2.49 -17.51 -16.55
N ASP A 75 2.49 -18.75 -16.04
CA ASP A 75 2.57 -20.00 -16.79
CA ASP A 75 2.62 -19.86 -16.97
C ASP A 75 1.23 -20.39 -17.41
N GLY A 76 0.16 -19.63 -17.14
CA GLY A 76 -1.16 -19.89 -17.71
C GLY A 76 -2.11 -20.59 -16.75
N GLN A 77 -1.63 -20.99 -15.56
CA GLN A 77 -2.46 -21.77 -14.65
C GLN A 77 -3.52 -20.86 -14.05
N PRO A 78 -4.81 -21.18 -14.21
CA PRO A 78 -5.87 -20.41 -13.58
C PRO A 78 -5.88 -20.49 -12.07
N PHE A 79 -6.35 -19.40 -11.45
CA PHE A 79 -6.62 -19.36 -10.02
C PHE A 79 -7.72 -18.32 -9.77
N TRP A 80 -8.58 -18.63 -8.79
CA TRP A 80 -9.55 -17.66 -8.34
C TRP A 80 -8.90 -16.71 -7.34
N ASN A 81 -9.08 -15.41 -7.63
CA ASN A 81 -8.48 -14.31 -6.89
C ASN A 81 -9.58 -13.58 -6.12
N GLN A 82 -9.54 -13.68 -4.80
CA GLN A 82 -10.38 -12.80 -3.99
C GLN A 82 -9.63 -11.48 -3.85
N LEU A 83 -10.11 -10.45 -4.58
CA LEU A 83 -9.41 -9.20 -4.85
C LEU A 83 -10.11 -8.05 -4.13
N SER A 84 -9.37 -7.27 -3.33
CA SER A 84 -9.86 -6.07 -2.68
C SER A 84 -9.00 -4.86 -3.09
N ILE A 85 -9.61 -3.83 -3.67
CA ILE A 85 -8.92 -2.63 -4.12
C ILE A 85 -9.47 -1.47 -3.31
N SER A 86 -8.54 -0.65 -2.80
CA SER A 86 -8.87 0.58 -2.08
C SER A 86 -8.05 1.76 -2.60
N PRO A 87 -8.65 2.94 -2.83
CA PRO A 87 -7.89 4.18 -3.05
C PRO A 87 -7.16 4.58 -1.76
N VAL A 88 -6.00 5.16 -1.93
CA VAL A 88 -5.30 5.82 -0.85
C VAL A 88 -5.44 7.32 -1.04
N ARG A 89 -6.05 8.02 -0.07
CA ARG A 89 -6.27 9.44 -0.17
C ARG A 89 -5.48 10.19 0.90
N ASP A 90 -5.12 11.42 0.57
CA ASP A 90 -4.59 12.35 1.55
C ASP A 90 -5.76 13.04 2.27
N GLU A 91 -5.48 13.91 3.24
CA GLU A 91 -6.56 14.45 4.05
C GLU A 91 -7.40 15.48 3.30
N THR A 92 -6.93 15.97 2.15
CA THR A 92 -7.73 16.87 1.32
C THR A 92 -8.47 16.07 0.25
N GLY A 93 -8.43 14.73 0.32
CA GLY A 93 -9.17 13.84 -0.57
C GLY A 93 -8.49 13.49 -1.90
N ASN A 94 -7.29 13.98 -2.20
CA ASN A 94 -6.56 13.62 -3.41
C ASN A 94 -6.21 12.12 -3.33
N VAL A 95 -6.43 11.38 -4.42
CA VAL A 95 -6.04 9.97 -4.52
C VAL A 95 -4.56 9.94 -4.87
N VAL A 96 -3.74 9.34 -3.98
CA VAL A 96 -2.29 9.25 -4.09
C VAL A 96 -1.86 7.97 -4.81
N ALA A 97 -2.69 6.91 -4.68
CA ALA A 97 -2.38 5.59 -5.17
C ALA A 97 -3.61 4.69 -5.01
N PHE A 98 -3.51 3.47 -5.53
CA PHE A 98 -4.43 2.40 -5.20
C PHE A 98 -3.65 1.24 -4.58
N VAL A 99 -4.29 0.55 -3.62
CA VAL A 99 -3.75 -0.65 -3.01
CA VAL A 99 -3.72 -0.65 -3.04
C VAL A 99 -4.67 -1.79 -3.37
N GLY A 100 -4.07 -2.95 -3.68
CA GLY A 100 -4.83 -4.13 -4.04
C GLY A 100 -4.32 -5.30 -3.19
N VAL A 101 -5.27 -6.10 -2.71
CA VAL A 101 -4.97 -7.33 -1.99
C VAL A 101 -5.57 -8.50 -2.77
N GLN A 102 -4.76 -9.56 -2.90
CA GLN A 102 -5.09 -10.73 -3.69
CA GLN A 102 -5.10 -10.74 -3.68
C GLN A 102 -4.98 -11.99 -2.82
N THR A 103 -6.05 -12.75 -2.73
CA THR A 103 -5.98 -14.04 -2.03
C THR A 103 -6.34 -15.12 -3.04
N ASP A 104 -5.52 -16.17 -3.12
CA ASP A 104 -5.84 -17.32 -3.96
C ASP A 104 -6.83 -18.22 -3.20
N VAL A 105 -8.07 -18.27 -3.67
CA VAL A 105 -9.13 -18.99 -2.96
C VAL A 105 -9.50 -20.24 -3.76
N THR A 106 -8.66 -20.63 -4.73
CA THR A 106 -8.89 -21.87 -5.48
C THR A 106 -8.65 -23.08 -4.58
N ALA A 107 -9.48 -24.12 -4.74
CA ALA A 107 -9.16 -25.42 -4.16
C ALA A 107 -8.31 -26.22 -5.15
N HIS A 108 -6.99 -25.98 -5.15
CA HIS A 108 -6.14 -26.49 -6.21
C HIS A 108 -5.92 -28.02 -6.14
N HIS A 109 -6.03 -28.62 -4.94
CA HIS A 109 -5.47 -29.94 -4.71
C HIS A 109 -6.49 -30.92 -4.12
N HIS A 110 -7.64 -30.42 -3.63
CA HIS A 110 -8.70 -31.26 -3.06
C HIS A 110 -10.05 -31.01 -3.77
N ALA B 2 2.14 17.69 -3.47
CA ALA B 2 1.87 16.24 -3.52
C ALA B 2 2.23 15.61 -2.17
N SER B 3 1.39 14.67 -1.76
CA SER B 3 1.58 14.02 -0.46
C SER B 3 2.48 12.80 -0.63
N GLY B 4 3.35 12.64 0.36
CA GLY B 4 4.13 11.43 0.50
C GLY B 4 3.24 10.22 0.81
N MET B 5 3.70 9.06 0.38
CA MET B 5 3.10 7.81 0.78
CA MET B 5 3.09 7.80 0.79
C MET B 5 4.21 6.79 1.06
N VAL B 6 4.02 6.01 2.12
CA VAL B 6 4.92 4.95 2.53
CA VAL B 6 4.93 4.95 2.53
C VAL B 6 4.10 3.69 2.77
N VAL B 7 4.69 2.52 2.45
CA VAL B 7 4.11 1.25 2.81
C VAL B 7 5.14 0.53 3.67
N THR B 8 4.68 -0.04 4.78
CA THR B 8 5.51 -0.85 5.66
C THR B 8 4.93 -2.26 5.72
N ASP B 9 5.77 -3.21 6.17
CA ASP B 9 5.25 -4.49 6.59
C ASP B 9 4.43 -4.32 7.88
N ALA B 10 3.61 -5.32 8.20
CA ALA B 10 2.68 -5.27 9.31
C ALA B 10 3.39 -5.61 10.62
N GLY B 11 4.32 -6.55 10.57
CA GLY B 11 5.01 -7.02 11.78
C GLY B 11 6.45 -6.54 11.89
N ALA B 12 7.22 -7.13 12.81
N ALA B 12 7.21 -7.32 12.67
CA ALA B 12 8.68 -6.94 12.90
CA ALA B 12 8.47 -6.88 13.22
C ALA B 12 9.06 -5.46 12.85
C ALA B 12 8.30 -5.46 13.73
N ASP B 13 8.32 -4.63 13.60
N ASP B 13 9.14 -4.58 13.20
CA ASP B 13 8.67 -3.22 13.78
CA ASP B 13 9.08 -3.19 13.55
C ASP B 13 8.58 -2.44 12.45
C ASP B 13 8.64 -2.38 12.34
N GLN B 14 7.64 -2.90 11.60
CA GLN B 14 7.10 -2.16 10.44
C GLN B 14 8.17 -1.52 9.57
N PRO B 15 9.08 -2.30 8.96
CA PRO B 15 10.07 -1.73 8.05
C PRO B 15 9.38 -1.21 6.80
N ILE B 16 9.96 -0.15 6.24
CA ILE B 16 9.52 0.46 5.00
C ILE B 16 9.85 -0.47 3.84
N VAL B 17 8.85 -0.69 2.99
CA VAL B 17 9.05 -1.48 1.79
C VAL B 17 8.79 -0.69 0.53
N PHE B 18 8.21 0.49 0.63
CA PHE B 18 7.93 1.32 -0.54
C PHE B 18 7.69 2.76 -0.12
N VAL B 19 8.24 3.70 -0.91
CA VAL B 19 7.95 5.12 -0.79
C VAL B 19 7.74 5.68 -2.18
N ASN B 20 6.91 6.72 -2.27
CA ASN B 20 6.65 7.38 -3.54
C ASN B 20 7.63 8.57 -3.72
N ARG B 21 7.53 9.27 -4.85
CA ARG B 21 8.42 10.39 -5.15
C ARG B 21 8.29 11.53 -4.12
N ALA B 22 7.07 11.95 -3.79
CA ALA B 22 6.81 13.07 -2.91
C ALA B 22 7.42 12.80 -1.53
N PHE B 23 7.51 11.52 -1.11
CA PHE B 23 8.13 11.23 0.18
C PHE B 23 9.55 11.78 0.19
N SER B 24 10.29 11.58 -0.91
CA SER B 24 11.64 12.10 -1.03
C SER B 24 11.65 13.63 -1.12
N THR B 25 10.71 14.23 -1.86
CA THR B 25 10.62 15.68 -1.91
C THR B 25 10.46 16.29 -0.51
N ILE B 26 9.54 15.72 0.28
CA ILE B 26 9.23 16.22 1.61
C ILE B 26 10.39 15.97 2.57
N THR B 27 10.98 14.77 2.56
CA THR B 27 11.83 14.37 3.68
C THR B 27 13.32 14.55 3.37
N GLY B 28 13.68 14.56 2.09
CA GLY B 28 15.07 14.68 1.65
C GLY B 28 15.83 13.36 1.60
N TYR B 29 15.15 12.24 1.89
CA TYR B 29 15.75 10.92 1.83
C TYR B 29 15.33 10.21 0.56
N ALA B 30 16.29 9.48 0.00
CA ALA B 30 16.05 8.71 -1.20
C ALA B 30 15.49 7.37 -0.75
N PRO B 31 14.76 6.66 -1.63
CA PRO B 31 14.24 5.33 -1.29
C PRO B 31 15.28 4.40 -0.69
N ASN B 32 16.47 4.33 -1.29
CA ASN B 32 17.48 3.37 -0.83
C ASN B 32 17.95 3.67 0.60
N GLU B 33 17.83 4.93 1.05
CA GLU B 33 18.25 5.31 2.39
C GLU B 33 17.26 4.86 3.46
N VAL B 34 16.00 4.53 3.07
CA VAL B 34 14.96 4.35 4.08
C VAL B 34 14.40 2.93 4.07
N LEU B 35 14.49 2.17 2.94
CA LEU B 35 13.89 0.86 2.87
C LEU B 35 14.48 0.02 3.98
N GLY B 36 13.61 -0.76 4.63
CA GLY B 36 13.99 -1.64 5.72
C GLY B 36 14.00 -1.02 7.11
N ARG B 37 13.88 0.31 7.19
CA ARG B 37 13.91 1.03 8.46
C ARG B 37 12.48 1.36 8.94
N ASN B 38 12.33 1.51 10.25
CA ASN B 38 11.10 2.05 10.83
C ASN B 38 11.05 3.56 10.58
N GLN B 39 9.84 4.06 10.31
CA GLN B 39 9.63 5.46 9.98
CA GLN B 39 9.63 5.46 9.98
C GLN B 39 9.98 6.43 11.12
N ARG B 40 10.26 5.93 12.34
CA ARG B 40 10.52 6.83 13.46
C ARG B 40 11.83 7.61 13.29
N PHE B 41 12.68 7.26 12.32
CA PHE B 41 13.88 8.05 12.06
C PHE B 41 13.53 9.48 11.66
N LEU B 42 12.29 9.78 11.25
CA LEU B 42 11.90 11.13 10.91
C LEU B 42 11.68 12.01 12.14
N GLN B 43 11.63 11.43 13.33
CA GLN B 43 11.38 12.17 14.54
C GLN B 43 12.71 12.74 15.05
N GLY B 44 12.62 13.68 15.99
CA GLY B 44 13.80 14.32 16.54
C GLY B 44 13.50 14.98 17.86
N PRO B 45 14.40 15.89 18.31
CA PRO B 45 14.34 16.40 19.68
C PRO B 45 13.02 17.02 20.10
N GLN B 46 12.31 17.79 19.23
CA GLN B 46 11.10 18.48 19.65
C GLN B 46 9.82 17.71 19.26
N THR B 47 9.95 16.48 18.75
CA THR B 47 8.78 15.63 18.48
C THR B 47 8.01 15.38 19.78
N ASP B 48 6.66 15.56 19.75
CA ASP B 48 5.82 15.40 20.92
CA ASP B 48 5.81 15.39 20.92
C ASP B 48 5.68 13.91 21.28
N ALA B 49 6.12 13.56 22.50
CA ALA B 49 6.14 12.19 23.01
C ALA B 49 4.73 11.60 23.08
N ALA B 50 3.73 12.40 23.46
CA ALA B 50 2.37 11.88 23.56
C ALA B 50 1.84 11.48 22.19
N THR B 51 2.18 12.27 21.17
CA THR B 51 1.78 11.98 19.80
C THR B 51 2.37 10.63 19.37
N VAL B 52 3.67 10.47 19.64
CA VAL B 52 4.33 9.22 19.32
C VAL B 52 3.64 8.04 19.99
N ALA B 53 3.28 8.17 21.27
CA ALA B 53 2.60 7.10 21.98
C ALA B 53 1.23 6.77 21.38
N ARG B 54 0.48 7.81 20.94
CA ARG B 54 -0.79 7.57 20.25
C ARG B 54 -0.57 6.77 18.97
N LEU B 55 0.48 7.10 18.21
CA LEU B 55 0.80 6.30 17.02
C LEU B 55 1.18 4.87 17.39
N ARG B 56 2.04 4.74 18.42
CA ARG B 56 2.45 3.41 18.87
C ARG B 56 1.24 2.54 19.15
N GLU B 57 0.28 3.08 19.91
CA GLU B 57 -0.89 2.30 20.31
CA GLU B 57 -0.89 2.32 20.31
C GLU B 57 -1.75 1.97 19.10
N ALA B 58 -1.93 2.93 18.17
CA ALA B 58 -2.78 2.67 17.01
C ALA B 58 -2.18 1.58 16.13
N ILE B 59 -0.85 1.59 15.95
CA ILE B 59 -0.21 0.59 15.12
C ILE B 59 -0.35 -0.79 15.78
N ALA B 60 -0.13 -0.87 17.09
CA ALA B 60 -0.22 -2.14 17.80
C ALA B 60 -1.62 -2.77 17.67
N ALA B 61 -2.65 -1.91 17.54
CA ALA B 61 -4.05 -2.32 17.45
C ALA B 61 -4.56 -2.35 16.00
N ALA B 62 -3.70 -1.97 15.05
CA ALA B 62 -4.06 -1.80 13.65
C ALA B 62 -5.30 -0.91 13.47
N ARG B 63 -5.28 0.23 14.17
CA ARG B 63 -6.37 1.20 14.14
C ARG B 63 -5.95 2.38 13.29
N PRO B 64 -6.82 2.95 12.42
CA PRO B 64 -6.47 4.16 11.67
CA PRO B 64 -6.50 4.17 11.68
C PRO B 64 -6.35 5.36 12.62
N ILE B 65 -5.38 6.18 12.29
CA ILE B 65 -5.02 7.35 13.09
C ILE B 65 -4.47 8.46 12.19
N GLN B 66 -4.75 9.70 12.57
CA GLN B 66 -4.15 10.89 11.97
C GLN B 66 -3.53 11.71 13.09
N GLU B 67 -2.30 12.18 12.84
CA GLU B 67 -1.63 13.07 13.76
C GLU B 67 -0.90 14.16 12.97
N ARG B 68 -0.79 15.35 13.56
CA ARG B 68 0.14 16.37 13.10
C ARG B 68 1.37 16.27 13.97
N ILE B 69 2.49 15.79 13.41
CA ILE B 69 3.70 15.44 14.15
C ILE B 69 4.90 16.19 13.58
N LEU B 70 5.75 16.66 14.51
CA LEU B 70 6.98 17.33 14.09
C LEU B 70 7.99 16.28 13.68
N ASN B 71 8.46 16.40 12.43
CA ASN B 71 9.46 15.52 11.87
C ASN B 71 10.63 16.39 11.33
N TYR B 72 11.64 15.70 10.81
CA TYR B 72 12.89 16.32 10.43
C TYR B 72 13.34 15.75 9.10
N ARG B 73 13.68 16.67 8.18
CA ARG B 73 14.28 16.34 6.91
C ARG B 73 15.67 15.77 7.15
N LYS B 74 16.21 15.09 6.13
CA LYS B 74 17.52 14.47 6.24
C LYS B 74 18.57 15.49 6.69
N ASP B 75 18.42 16.73 6.23
CA ASP B 75 19.36 17.81 6.54
C ASP B 75 19.12 18.38 7.95
N GLY B 76 18.11 17.88 8.69
CA GLY B 76 17.85 18.28 10.06
C GLY B 76 16.80 19.38 10.22
N GLN B 77 16.25 19.89 9.12
CA GLN B 77 15.26 20.96 9.16
C GLN B 77 13.92 20.42 9.66
N PRO B 78 13.27 21.03 10.69
CA PRO B 78 11.98 20.57 11.19
C PRO B 78 10.89 20.88 10.18
N PHE B 79 9.89 19.98 10.10
CA PHE B 79 8.71 20.23 9.30
C PHE B 79 7.51 19.56 10.00
N TRP B 80 6.33 20.16 9.85
CA TRP B 80 5.11 19.59 10.38
C TRP B 80 4.54 18.61 9.36
N ASN B 81 4.38 17.36 9.83
CA ASN B 81 3.92 16.23 9.04
C ASN B 81 2.47 15.95 9.43
N GLN B 82 1.54 16.23 8.51
CA GLN B 82 0.15 15.78 8.65
C GLN B 82 0.11 14.33 8.18
N LEU B 83 0.17 13.42 9.16
CA LEU B 83 0.36 12.00 8.92
C LEU B 83 -0.94 11.23 9.12
N SER B 84 -1.29 10.35 8.17
CA SER B 84 -2.42 9.44 8.32
C SER B 84 -1.95 8.01 8.08
N ILE B 85 -2.28 7.12 9.01
CA ILE B 85 -1.89 5.71 8.91
C ILE B 85 -3.14 4.85 8.89
N SER B 86 -3.14 3.86 7.99
CA SER B 86 -4.24 2.93 7.79
CA SER B 86 -4.23 2.92 7.93
C SER B 86 -3.67 1.52 7.69
N PRO B 87 -4.26 0.50 8.32
CA PRO B 87 -3.89 -0.89 8.04
C PRO B 87 -4.44 -1.28 6.68
N VAL B 88 -3.75 -2.22 6.02
CA VAL B 88 -4.23 -2.92 4.85
C VAL B 88 -4.54 -4.37 5.26
N ARG B 89 -5.79 -4.81 5.04
CA ARG B 89 -6.25 -6.11 5.48
C ARG B 89 -6.68 -6.95 4.28
N ASP B 90 -6.59 -8.27 4.46
CA ASP B 90 -7.24 -9.17 3.52
C ASP B 90 -8.70 -9.38 3.95
N GLU B 91 -9.46 -10.17 3.18
CA GLU B 91 -10.90 -10.20 3.39
C GLU B 91 -11.25 -11.02 4.64
N THR B 92 -10.29 -11.77 5.20
CA THR B 92 -10.52 -12.44 6.48
C THR B 92 -10.02 -11.61 7.68
N GLY B 93 -9.53 -10.37 7.45
CA GLY B 93 -9.15 -9.48 8.54
C GLY B 93 -7.67 -9.44 8.93
N ASN B 94 -6.84 -10.31 8.36
CA ASN B 94 -5.41 -10.27 8.61
C ASN B 94 -4.82 -8.94 8.10
N VAL B 95 -3.95 -8.35 8.91
CA VAL B 95 -3.21 -7.15 8.49
C VAL B 95 -2.01 -7.58 7.65
N VAL B 96 -1.99 -7.14 6.39
CA VAL B 96 -0.96 -7.41 5.38
C VAL B 96 0.19 -6.38 5.34
N ALA B 97 -0.12 -5.12 5.68
CA ALA B 97 0.78 -3.99 5.60
C ALA B 97 0.13 -2.81 6.33
N PHE B 98 0.92 -1.72 6.43
CA PHE B 98 0.40 -0.40 6.78
C PHE B 98 0.76 0.59 5.69
N VAL B 99 -0.16 1.52 5.47
CA VAL B 99 0.04 2.64 4.56
CA VAL B 99 0.09 2.63 4.56
C VAL B 99 0.04 3.94 5.35
N GLY B 100 1.04 4.78 5.13
CA GLY B 100 1.09 6.11 5.68
C GLY B 100 1.07 7.14 4.57
N VAL B 101 0.39 8.25 4.86
CA VAL B 101 0.33 9.39 3.93
C VAL B 101 0.82 10.60 4.71
N GLN B 102 1.74 11.34 4.10
CA GLN B 102 2.46 12.45 4.73
CA GLN B 102 2.44 12.46 4.72
C GLN B 102 2.19 13.72 3.91
N THR B 103 1.59 14.71 4.55
CA THR B 103 1.51 16.02 3.93
C THR B 103 2.35 17.02 4.75
N ASP B 104 3.24 17.77 4.10
CA ASP B 104 3.96 18.84 4.77
C ASP B 104 3.01 20.04 4.90
N VAL B 105 2.62 20.36 6.16
CA VAL B 105 1.68 21.44 6.46
C VAL B 105 2.35 22.59 7.23
N THR B 106 3.69 22.69 7.19
CA THR B 106 4.47 23.63 8.02
C THR B 106 4.01 25.09 7.84
N1 FMN C . -7.35 -7.08 -11.96
C2 FMN C . -7.23 -8.42 -11.87
O2 FMN C . -7.82 -9.18 -12.69
N3 FMN C . -6.49 -8.98 -10.86
C4 FMN C . -5.87 -8.26 -9.89
O4 FMN C . -5.21 -8.83 -9.00
C4A FMN C . -6.01 -6.84 -9.94
N5 FMN C . -5.41 -6.09 -9.05
C5A FMN C . -5.55 -4.72 -9.15
C6 FMN C . -4.94 -3.93 -8.17
C7 FMN C . -5.04 -2.56 -8.17
C7M FMN C . -4.43 -1.72 -7.07
C8 FMN C . -5.76 -1.93 -9.26
C8M FMN C . -5.91 -0.44 -9.33
C9 FMN C . -6.37 -2.72 -10.21
C9A FMN C . -6.28 -4.12 -10.19
N10 FMN C . -6.90 -4.95 -11.13
C10 FMN C . -6.78 -6.33 -11.04
C1' FMN C . -7.79 -4.42 -12.18
C2' FMN C . -7.14 -4.14 -13.50
O2' FMN C . -5.88 -3.46 -13.33
C3' FMN C . -8.09 -3.24 -14.31
O3' FMN C . -8.26 -1.99 -13.57
C4' FMN C . -9.44 -3.86 -14.65
O4' FMN C . -9.25 -4.96 -15.52
C5' FMN C . -10.43 -2.92 -15.32
O5' FMN C . -9.77 -2.25 -16.37
P FMN C . -9.87 -2.69 -17.87
O1P FMN C . -11.27 -3.01 -18.38
O2P FMN C . -9.39 -1.46 -18.59
O3P FMN C . -8.97 -3.92 -18.03
N1 FMN D . 6.18 8.38 12.38
C2 FMN D . 6.57 9.62 12.08
O2 FMN D . 7.07 10.39 12.97
N3 FMN D . 6.50 10.11 10.79
C4 FMN D . 5.96 9.38 9.75
O4 FMN D . 5.85 9.88 8.63
C4A FMN D . 5.53 8.07 10.04
N5 FMN D . 4.99 7.35 9.05
C5A FMN D . 4.58 6.08 9.40
C6 FMN D . 4.02 5.25 8.42
C7 FMN D . 3.62 3.95 8.67
C7M FMN D . 2.98 3.13 7.56
C8 FMN D . 3.77 3.42 9.97
C8M FMN D . 3.32 2.02 10.31
C9 FMN D . 4.29 4.22 10.96
C9A FMN D . 4.69 5.55 10.71
N10 FMN D . 5.23 6.37 11.71
C10 FMN D . 5.64 7.64 11.41
C1' FMN D . 5.27 5.92 13.13
C2' FMN D . 6.59 5.31 13.58
O2' FMN D . 7.01 4.38 12.64
C3' FMN D . 6.33 4.56 14.90
O3' FMN D . 5.29 3.56 14.75
C4' FMN D . 5.95 5.55 16.02
O4' FMN D . 7.06 6.38 16.34
C5' FMN D . 5.53 4.92 17.33
O5' FMN D . 6.36 3.80 17.62
P FMN D . 7.63 3.90 18.56
O1P FMN D . 7.31 4.34 20.02
O2P FMN D . 8.05 2.45 18.57
O3P FMN D . 8.59 4.80 17.87
#